data_6TD7
#
_entry.id   6TD7
#
_cell.length_a   31.040
_cell.length_b   42.620
_cell.length_c   90.260
_cell.angle_alpha   90.000
_cell.angle_beta   90.000
_cell.angle_gamma   90.000
#
_symmetry.space_group_name_H-M   'P 21 21 21'
#
loop_
_entity.id
_entity.type
_entity.pdbx_description
1 polymer THB11
2 non-polymer 'PROTOPORPHYRIN IX CONTAINING FE'
3 non-polymer 'CYANIDE ION'
4 water water
#
_entity_poly.entity_id   1
_entity_poly.type   'polypeptide(L)'
_entity_poly.pdbx_seq_one_letter_code
;GSAGTSTATNAGPLLQRVGGLDVVKKVVELFYRKLYADPQLIKYLHDQDPMHLRAKQSMFVSWLFGPPNVPYTGKSVRIA
HLRIIKQRGFSPEDFDLGMKYFEEAMTELGAPEVLRGEVMRRMLPYKDAIFTPAAGDAAEEA
;
_entity_poly.pdbx_strand_id   A
#
loop_
_chem_comp.id
_chem_comp.type
_chem_comp.name
_chem_comp.formula
CYN non-polymer 'CYANIDE ION' 'C N -1'
HEM non-polymer 'PROTOPORPHYRIN IX CONTAINING FE' 'C34 H32 Fe N4 O4'
#
# COMPACT_ATOMS: atom_id res chain seq x y z
N GLY A 12 20.57 9.63 4.14
CA GLY A 12 19.90 10.64 3.34
C GLY A 12 18.52 10.22 2.87
N PRO A 13 18.35 10.07 1.54
CA PRO A 13 17.02 9.80 1.01
C PRO A 13 16.50 8.42 1.41
N LEU A 14 15.18 8.35 1.64
CA LEU A 14 14.52 7.12 2.05
C LEU A 14 14.80 5.97 1.10
N LEU A 15 14.90 6.25 -0.20
CA LEU A 15 15.09 5.19 -1.18
C LEU A 15 16.44 4.50 -0.99
N GLN A 16 17.48 5.28 -0.72
CA GLN A 16 18.78 4.71 -0.41
C GLN A 16 18.78 3.99 0.93
N ARG A 17 18.13 4.58 1.93
CA ARG A 17 18.18 4.01 3.27
C ARG A 17 17.56 2.62 3.30
N VAL A 18 16.44 2.42 2.60
CA VAL A 18 15.81 1.10 2.56
C VAL A 18 16.58 0.10 1.72
N GLY A 19 17.60 0.55 0.99
CA GLY A 19 18.42 -0.36 0.21
C GLY A 19 18.26 -0.27 -1.29
N GLY A 20 17.53 0.72 -1.79
CA GLY A 20 17.49 0.96 -3.22
C GLY A 20 16.26 0.37 -3.89
N LEU A 21 16.23 0.57 -5.20
CA LEU A 21 15.05 0.24 -6.00
C LEU A 21 14.80 -1.27 -6.06
N ASP A 22 15.85 -2.08 -5.98
CA ASP A 22 15.65 -3.52 -5.98
C ASP A 22 14.91 -3.98 -4.73
N VAL A 23 15.18 -3.33 -3.59
CA VAL A 23 14.47 -3.69 -2.36
C VAL A 23 13.02 -3.25 -2.43
N VAL A 24 12.76 -2.04 -2.92
CA VAL A 24 11.38 -1.57 -3.05
C VAL A 24 10.57 -2.54 -3.90
N LYS A 25 11.12 -2.96 -5.03
CA LYS A 25 10.41 -3.89 -5.91
C LYS A 25 10.05 -5.17 -5.16
N LYS A 26 11.00 -5.73 -4.41
CA LYS A 26 10.76 -6.98 -3.70
C LYS A 26 9.79 -6.79 -2.53
N VAL A 27 9.81 -5.62 -1.88
CA VAL A 27 8.82 -5.32 -0.85
C VAL A 27 7.41 -5.38 -1.44
N VAL A 28 7.19 -4.68 -2.55
CA VAL A 28 5.86 -4.64 -3.15
C VAL A 28 5.43 -6.03 -3.60
N GLU A 29 6.35 -6.79 -4.18
N GLU A 29 6.35 -6.81 -4.17
CA GLU A 29 6.05 -8.14 -4.64
CA GLU A 29 5.97 -8.13 -4.65
C GLU A 29 5.62 -9.02 -3.49
C GLU A 29 5.61 -9.05 -3.49
N LEU A 30 6.36 -8.96 -2.39
CA LEU A 30 6.02 -9.75 -1.21
C LEU A 30 4.71 -9.27 -0.59
N PHE A 31 4.51 -7.96 -0.51
CA PHE A 31 3.23 -7.39 -0.10
C PHE A 31 2.08 -8.04 -0.87
N TYR A 32 2.17 -8.07 -2.20
CA TYR A 32 1.06 -8.63 -2.97
C TYR A 32 0.94 -10.14 -2.76
N ARG A 33 2.06 -10.84 -2.58
CA ARG A 33 1.98 -12.26 -2.29
C ARG A 33 1.20 -12.51 -1.01
N LYS A 34 1.48 -11.73 0.04
CA LYS A 34 0.74 -11.86 1.29
C LYS A 34 -0.74 -11.52 1.12
N LEU A 35 -1.04 -10.45 0.37
CA LEU A 35 -2.42 -10.04 0.17
C LEU A 35 -3.24 -11.17 -0.42
N TYR A 36 -2.77 -11.73 -1.54
CA TYR A 36 -3.52 -12.74 -2.27
C TYR A 36 -3.59 -14.06 -1.53
N ALA A 37 -2.71 -14.28 -0.56
CA ALA A 37 -2.74 -15.46 0.28
C ALA A 37 -3.66 -15.32 1.48
N ASP A 38 -4.25 -14.16 1.70
CA ASP A 38 -5.07 -13.96 2.89
C ASP A 38 -6.53 -14.29 2.60
N PRO A 39 -7.18 -15.14 3.40
CA PRO A 39 -8.54 -15.57 3.07
C PRO A 39 -9.60 -14.50 3.25
N GLN A 40 -9.33 -13.43 4.02
CA GLN A 40 -10.28 -12.34 4.13
C GLN A 40 -10.13 -11.33 2.99
N LEU A 41 -8.91 -11.14 2.48
CA LEU A 41 -8.69 -10.16 1.43
C LEU A 41 -8.91 -10.72 0.04
N ILE A 42 -8.81 -12.04 -0.12
CA ILE A 42 -8.97 -12.63 -1.45
C ILE A 42 -10.36 -12.33 -2.00
N LYS A 43 -11.36 -12.18 -1.13
CA LYS A 43 -12.69 -11.76 -1.55
C LYS A 43 -12.64 -10.56 -2.48
N TYR A 44 -11.67 -9.67 -2.27
CA TYR A 44 -11.56 -8.43 -2.99
C TYR A 44 -10.63 -8.50 -4.19
N LEU A 45 -9.82 -9.57 -4.29
CA LEU A 45 -8.72 -9.62 -5.24
C LEU A 45 -8.76 -10.77 -6.23
N HIS A 46 -9.62 -11.78 -6.02
CA HIS A 46 -9.54 -12.99 -6.84
C HIS A 46 -9.80 -12.69 -8.30
N ASP A 47 -10.54 -11.62 -8.61
CA ASP A 47 -10.83 -11.22 -9.98
C ASP A 47 -10.02 -10.00 -10.40
N GLN A 48 -8.91 -9.71 -9.70
CA GLN A 48 -8.02 -8.62 -10.03
C GLN A 48 -6.67 -9.20 -10.44
N ASP A 49 -6.20 -8.81 -11.62
CA ASP A 49 -4.90 -9.26 -12.10
C ASP A 49 -3.82 -8.67 -11.22
N PRO A 50 -2.99 -9.48 -10.56
CA PRO A 50 -2.00 -8.90 -9.63
C PRO A 50 -1.00 -7.99 -10.32
N MET A 51 -0.64 -8.28 -11.57
CA MET A 51 0.29 -7.42 -12.29
C MET A 51 -0.35 -6.06 -12.59
N HIS A 52 -1.62 -6.07 -12.96
CA HIS A 52 -2.30 -4.81 -13.26
C HIS A 52 -2.43 -3.97 -12.01
N LEU A 53 -2.77 -4.61 -10.88
CA LEU A 53 -2.93 -3.89 -9.63
C LEU A 53 -1.62 -3.24 -9.21
N ARG A 54 -0.51 -3.99 -9.26
N ARG A 54 -0.52 -3.99 -9.26
CA ARG A 54 0.78 -3.40 -8.93
CA ARG A 54 0.79 -3.44 -8.95
C ARG A 54 1.09 -2.23 -9.84
C ARG A 54 1.10 -2.25 -9.85
N ALA A 55 0.80 -2.37 -11.14
CA ALA A 55 1.01 -1.25 -12.06
C ALA A 55 0.23 -0.02 -11.62
N LYS A 56 -1.05 -0.20 -11.28
CA LYS A 56 -1.88 0.94 -10.89
C LYS A 56 -1.38 1.59 -9.61
N GLN A 57 -0.81 0.79 -8.69
CA GLN A 57 -0.33 1.27 -7.40
C GLN A 57 1.06 1.90 -7.49
N SER A 58 1.71 1.82 -8.67
CA SER A 58 3.12 2.18 -8.77
CA SER A 58 3.12 2.18 -8.77
C SER A 58 3.36 3.65 -8.48
N MET A 59 2.48 4.53 -8.95
CA MET A 59 2.72 5.95 -8.71
C MET A 59 2.72 6.25 -7.22
N PHE A 60 1.81 5.63 -6.48
CA PHE A 60 1.75 5.80 -5.02
C PHE A 60 3.03 5.28 -4.36
N VAL A 61 3.50 4.10 -4.77
CA VAL A 61 4.71 3.54 -4.16
C VAL A 61 5.92 4.41 -4.48
N SER A 62 5.98 4.94 -5.70
CA SER A 62 7.07 5.84 -6.07
C SER A 62 7.08 7.08 -5.19
N TRP A 63 5.90 7.66 -4.94
CA TRP A 63 5.80 8.77 -4.01
C TRP A 63 6.20 8.35 -2.60
N LEU A 64 5.75 7.16 -2.18
CA LEU A 64 5.93 6.73 -0.80
C LEU A 64 7.40 6.64 -0.42
N PHE A 65 8.24 6.08 -1.29
CA PHE A 65 9.66 5.99 -1.02
C PHE A 65 10.44 7.17 -1.58
N GLY A 66 9.74 8.21 -2.04
CA GLY A 66 10.39 9.37 -2.60
C GLY A 66 10.73 10.41 -1.56
N PRO A 67 11.05 11.60 -2.02
CA PRO A 67 11.37 12.71 -1.10
C PRO A 67 10.30 12.90 -0.05
N PRO A 68 10.68 13.36 1.15
CA PRO A 68 9.69 13.58 2.20
C PRO A 68 8.86 14.83 1.95
N ASN A 69 7.72 14.91 2.64
CA ASN A 69 6.88 16.09 2.73
C ASN A 69 6.05 16.37 1.50
N VAL A 70 6.58 16.07 0.32
CA VAL A 70 5.83 16.23 -0.93
C VAL A 70 4.47 15.56 -0.78
N PRO A 71 3.36 16.27 -1.01
CA PRO A 71 2.05 15.63 -0.93
C PRO A 71 1.75 14.79 -2.16
N TYR A 72 1.00 13.70 -1.94
CA TYR A 72 0.61 12.83 -3.03
C TYR A 72 -0.52 13.48 -3.82
N THR A 73 -0.38 13.52 -5.15
CA THR A 73 -1.38 14.12 -6.02
C THR A 73 -1.91 13.15 -7.07
N GLY A 74 -1.79 11.85 -6.84
CA GLY A 74 -2.39 10.87 -7.72
C GLY A 74 -3.87 10.71 -7.48
N LYS A 75 -4.44 9.74 -8.20
CA LYS A 75 -5.88 9.45 -8.14
C LYS A 75 -6.32 9.24 -6.69
N SER A 76 -7.50 9.75 -6.38
CA SER A 76 -8.10 9.57 -5.07
C SER A 76 -8.19 8.09 -4.70
N VAL A 77 -7.63 7.72 -3.55
CA VAL A 77 -7.63 6.32 -3.18
C VAL A 77 -9.03 5.84 -2.77
N ARG A 78 -9.88 6.73 -2.26
CA ARG A 78 -11.26 6.33 -1.99
C ARG A 78 -11.95 5.92 -3.28
N ILE A 79 -11.81 6.74 -4.33
CA ILE A 79 -12.42 6.40 -5.60
C ILE A 79 -11.91 5.05 -6.09
N ALA A 80 -10.60 4.82 -5.96
CA ALA A 80 -10.02 3.58 -6.47
C ALA A 80 -10.61 2.36 -5.77
N HIS A 81 -10.89 2.48 -4.47
CA HIS A 81 -11.39 1.34 -3.70
C HIS A 81 -12.90 1.35 -3.53
N LEU A 82 -13.63 2.27 -4.16
CA LEU A 82 -15.02 2.46 -3.80
C LEU A 82 -15.90 1.33 -4.32
N ARG A 83 -15.49 0.68 -5.41
CA ARG A 83 -16.23 -0.49 -5.89
C ARG A 83 -16.21 -1.63 -4.86
N ILE A 84 -15.03 -1.98 -4.37
CA ILE A 84 -14.98 -3.11 -3.44
C ILE A 84 -15.58 -2.70 -2.09
N ILE A 85 -15.53 -1.41 -1.73
CA ILE A 85 -16.23 -0.94 -0.55
C ILE A 85 -17.72 -1.18 -0.67
N LYS A 86 -18.35 -0.60 -1.71
CA LYS A 86 -19.79 -0.64 -1.83
C LYS A 86 -20.30 -2.02 -2.23
N GLN A 87 -19.55 -2.73 -3.06
CA GLN A 87 -20.04 -4.00 -3.58
C GLN A 87 -19.66 -5.18 -2.68
N ARG A 88 -18.50 -5.13 -2.02
CA ARG A 88 -17.99 -6.27 -1.27
C ARG A 88 -17.69 -5.98 0.18
N GLY A 89 -17.92 -4.76 0.66
CA GLY A 89 -17.75 -4.46 2.06
C GLY A 89 -16.33 -4.26 2.53
N PHE A 90 -15.39 -4.00 1.63
CA PHE A 90 -14.04 -3.60 2.01
C PHE A 90 -14.08 -2.58 3.15
N SER A 91 -13.39 -2.90 4.24
CA SER A 91 -13.56 -2.23 5.51
C SER A 91 -12.24 -1.72 6.05
N PRO A 92 -12.28 -0.78 7.00
CA PRO A 92 -11.04 -0.34 7.64
C PRO A 92 -10.21 -1.49 8.21
N GLU A 93 -10.86 -2.53 8.70
CA GLU A 93 -10.12 -3.68 9.23
C GLU A 93 -9.38 -4.43 8.13
N ASP A 94 -9.93 -4.47 6.91
CA ASP A 94 -9.18 -5.06 5.80
C ASP A 94 -7.96 -4.21 5.46
N PHE A 95 -8.10 -2.89 5.51
CA PHE A 95 -6.96 -2.02 5.24
C PHE A 95 -5.87 -2.20 6.29
N ASP A 96 -6.26 -2.37 7.55
CA ASP A 96 -5.26 -2.65 8.59
C ASP A 96 -4.43 -3.88 8.23
N LEU A 97 -5.10 -4.94 7.78
CA LEU A 97 -4.38 -6.15 7.39
C LEU A 97 -3.41 -5.87 6.24
N GLY A 98 -3.85 -5.10 5.26
CA GLY A 98 -2.94 -4.68 4.20
C GLY A 98 -1.72 -3.96 4.73
N MET A 99 -1.92 -3.05 5.70
CA MET A 99 -0.77 -2.32 6.25
C MET A 99 0.14 -3.25 7.05
N LYS A 100 -0.44 -4.20 7.78
CA LYS A 100 0.37 -5.23 8.45
C LYS A 100 1.26 -5.95 7.44
N TYR A 101 0.69 -6.33 6.29
CA TYR A 101 1.45 -7.10 5.31
C TYR A 101 2.53 -6.26 4.63
N PHE A 102 2.28 -4.97 4.42
CA PHE A 102 3.32 -4.13 3.85
C PHE A 102 4.47 -3.99 4.84
N GLU A 103 4.15 -3.83 6.12
CA GLU A 103 5.17 -3.78 7.16
C GLU A 103 5.93 -5.10 7.27
N GLU A 104 5.22 -6.23 7.19
CA GLU A 104 5.88 -7.52 7.24
C GLU A 104 6.85 -7.69 6.07
N ALA A 105 6.43 -7.25 4.87
CA ALA A 105 7.30 -7.33 3.71
C ALA A 105 8.59 -6.54 3.92
N MET A 106 8.49 -5.33 4.47
CA MET A 106 9.70 -4.56 4.75
C MET A 106 10.56 -5.25 5.81
N THR A 107 9.93 -5.81 6.84
CA THR A 107 10.69 -6.51 7.87
C THR A 107 11.44 -7.70 7.28
N GLU A 108 10.74 -8.51 6.47
CA GLU A 108 11.32 -9.73 5.94
C GLU A 108 12.45 -9.49 4.96
N LEU A 109 12.54 -8.29 4.39
CA LEU A 109 13.63 -7.94 3.49
CA LEU A 109 13.63 -7.94 3.50
C LEU A 109 14.75 -7.18 4.19
N GLY A 110 14.65 -6.98 5.50
CA GLY A 110 15.74 -6.42 6.27
C GLY A 110 15.68 -4.94 6.57
N ALA A 111 14.54 -4.29 6.34
CA ALA A 111 14.44 -2.87 6.65
C ALA A 111 14.33 -2.67 8.15
N PRO A 112 15.08 -1.75 8.74
CA PRO A 112 15.00 -1.54 10.20
C PRO A 112 13.70 -0.85 10.60
N GLU A 113 13.33 -1.06 11.87
CA GLU A 113 12.04 -0.56 12.36
C GLU A 113 11.92 0.95 12.20
N VAL A 114 13.01 1.70 12.38
CA VAL A 114 12.92 3.15 12.30
C VAL A 114 12.50 3.58 10.90
N LEU A 115 13.02 2.88 9.89
CA LEU A 115 12.61 3.09 8.50
C LEU A 115 11.17 2.65 8.28
N ARG A 116 10.81 1.48 8.80
CA ARG A 116 9.44 1.00 8.61
C ARG A 116 8.44 1.97 9.23
N GLY A 117 8.72 2.49 10.41
CA GLY A 117 7.81 3.42 11.04
C GLY A 117 7.64 4.69 10.21
N GLU A 118 8.74 5.19 9.64
CA GLU A 118 8.68 6.36 8.78
C GLU A 118 7.77 6.12 7.58
N VAL A 119 7.95 4.98 6.90
CA VAL A 119 7.12 4.63 5.75
C VAL A 119 5.67 4.44 6.17
N MET A 120 5.44 3.70 7.26
CA MET A 120 4.05 3.46 7.65
C MET A 120 3.36 4.73 8.11
N ARG A 121 4.09 5.69 8.68
CA ARG A 121 3.45 6.95 9.06
C ARG A 121 3.02 7.74 7.83
N ARG A 122 3.76 7.63 6.73
CA ARG A 122 3.35 8.29 5.49
C ARG A 122 2.11 7.66 4.91
N MET A 123 1.93 6.35 5.13
N MET A 123 1.93 6.35 5.11
CA MET A 123 0.81 5.62 4.55
CA MET A 123 0.78 5.65 4.55
C MET A 123 -0.45 5.74 5.40
C MET A 123 -0.47 5.87 5.39
N LEU A 124 -0.28 5.97 6.70
N LEU A 124 -0.31 5.91 6.71
CA LEU A 124 -1.44 5.93 7.59
CA LEU A 124 -1.44 5.94 7.64
C LEU A 124 -2.55 6.89 7.19
C LEU A 124 -2.56 6.90 7.24
N PRO A 125 -2.29 8.13 6.80
CA PRO A 125 -3.40 9.02 6.43
C PRO A 125 -4.31 8.43 5.36
N TYR A 126 -3.83 7.49 4.56
CA TYR A 126 -4.63 7.00 3.44
C TYR A 126 -5.66 5.98 3.87
N LYS A 127 -5.62 5.53 5.13
CA LYS A 127 -6.75 4.79 5.67
C LYS A 127 -7.96 5.70 5.79
N ASP A 128 -7.82 6.85 6.45
CA ASP A 128 -8.91 7.81 6.53
C ASP A 128 -9.34 8.29 5.14
N ALA A 129 -8.39 8.44 4.22
CA ALA A 129 -8.75 8.88 2.87
C ALA A 129 -9.68 7.89 2.20
N ILE A 130 -9.38 6.59 2.33
CA ILE A 130 -10.17 5.57 1.63
C ILE A 130 -11.59 5.50 2.18
N PHE A 131 -11.76 5.61 3.50
CA PHE A 131 -13.01 5.24 4.14
C PHE A 131 -13.83 6.41 4.64
N THR A 132 -13.39 7.65 4.47
CA THR A 132 -14.19 8.79 4.89
C THR A 132 -15.12 9.20 3.75
N PRO A 133 -16.43 9.16 3.94
CA PRO A 133 -17.33 9.63 2.88
C PRO A 133 -17.02 11.06 2.47
N ALA A 134 -17.16 11.32 1.18
CA ALA A 134 -16.93 12.63 0.61
C ALA A 134 -18.02 12.93 -0.40
N ALA A 135 -18.41 14.19 -0.49
CA ALA A 135 -19.34 14.62 -1.53
C ALA A 135 -18.74 14.33 -2.89
N GLY A 136 -19.47 13.59 -3.71
CA GLY A 136 -18.97 13.13 -4.99
C GLY A 136 -18.87 11.63 -5.11
N ASP A 137 -19.04 10.88 -4.03
CA ASP A 137 -18.99 9.42 -4.08
C ASP A 137 -20.05 8.87 -5.02
CHA HEM B . -6.02 0.46 -6.07
CHB HEM B . -7.72 -3.26 -3.41
CHC HEM B . -4.77 -2.13 0.29
CHD HEM B . -3.39 1.87 -2.19
C1A HEM B . -6.73 -0.67 -5.71
C2A HEM B . -7.64 -1.46 -6.52
C3A HEM B . -8.09 -2.47 -5.76
C4A HEM B . -7.49 -2.37 -4.45
CMA HEM B . -9.08 -3.58 -6.18
CAA HEM B . -8.05 -1.24 -7.99
CBA HEM B . -8.61 0.15 -8.24
CGA HEM B . -8.73 0.38 -9.72
O1A HEM B . -9.46 1.33 -10.11
O2A HEM B . -8.10 -0.36 -10.52
C1B HEM B . -7.03 -3.31 -2.22
C2B HEM B . -7.15 -4.35 -1.22
C3B HEM B . -6.35 -4.05 -0.19
C4B HEM B . -5.69 -2.80 -0.50
CMB HEM B . -8.07 -5.59 -1.33
CAB HEM B . -6.18 -4.91 1.08
CBB HEM B . -5.62 -4.44 2.18
C1C HEM B . -4.14 -0.97 -0.10
C2C HEM B . -3.13 -0.31 0.68
C3C HEM B . -2.75 0.79 0.03
C4C HEM B . -3.49 0.87 -1.22
CMC HEM B . -2.61 -0.80 2.05
CAC HEM B . -1.69 1.75 0.56
CBC HEM B . -1.81 3.06 0.35
C1D HEM B . -3.90 1.78 -3.47
C2D HEM B . -3.52 2.60 -4.61
C3D HEM B . -4.25 2.22 -5.66
C4D HEM B . -5.11 1.13 -5.26
CMD HEM B . -2.46 3.73 -4.56
CAD HEM B . -4.16 2.79 -7.09
CBD HEM B . -5.00 4.03 -7.31
CGD HEM B . -4.63 4.45 -8.71
O1D HEM B . -3.76 5.36 -8.85
O2D HEM B . -5.16 3.86 -9.67
NA HEM B . -6.66 -1.26 -4.46
NB HEM B . -6.13 -2.38 -1.74
NC HEM B . -4.33 -0.23 -1.26
ND HEM B . -4.87 0.89 -3.93
FE HEM B . -5.46 -0.72 -2.87
HHB HEM B . -8.45 -3.90 -3.53
HHC HEM B . -4.55 -2.51 1.16
HHD HEM B . -2.92 2.69 -1.95
HMA HEM B . -9.93 -3.17 -6.44
HMAA HEM B . -9.23 -4.19 -5.43
HMAB HEM B . -8.70 -4.07 -6.94
HAA HEM B . -8.72 -1.89 -8.23
HAAA HEM B . -7.26 -1.35 -8.54
HBA HEM B . -8.02 0.82 -7.85
HBAA HEM B . -9.49 0.23 -7.82
HMB HEM B . -7.95 -6.15 -0.54
HMBA HEM B . -7.83 -6.10 -2.11
HMBB HEM B . -8.99 -5.31 -1.40
HAB HEM B . -6.50 -5.82 1.07
HBB HEM B . -5.53 -5.01 2.98
HBBA HEM B . -5.30 -3.53 2.21
HMC HEM B . -3.35 -0.86 2.68
HMCA HEM B . -1.96 -0.16 2.39
HMCB HEM B . -2.19 -1.66 1.95
HAC HEM B . -0.92 1.42 1.04
HBC HEM B . -1.15 3.68 0.68
HBCA HEM B . -2.59 3.40 -0.13
HMD HEM B . -2.37 4.13 -5.45
HMDA HEM B . -1.60 3.35 -4.28
HMDB HEM B . -2.74 4.41 -3.91
HAD HEM B . -4.47 2.10 -7.71
HADA HEM B . -3.24 3.00 -7.28
HBD HEM B . -4.78 4.72 -6.67
HBDA HEM B . -5.94 3.82 -7.25
HHA HEM B . -6.17 0.82 -6.98
C CYN C . -3.76 -1.97 -3.57
N CYN C . -3.09 -2.54 -4.32
#